data_1YWN
#
_entry.id   1YWN
#
_cell.length_a   37.953
_cell.length_b   95.595
_cell.length_c   95.803
_cell.angle_alpha   90.00
_cell.angle_beta   90.00
_cell.angle_gamma   90.00
#
_symmetry.space_group_name_H-M   'P 21 21 21'
#
loop_
_entity.id
_entity.type
_entity.pdbx_description
1 polymer 'Vascular endothelial growth factor receptor 2'
2 non-polymer "N-{4-[4-AMINO-6-(4-METHOXYPHENYL)FURO[2,3-D]PYRIMIDIN-5-YL]PHENYL}-N'-[2-FLUORO-5-(TRIFLUOROMETHYL)PHENYL]UREA"
3 water water
#
_entity_poly.entity_id   1
_entity_poly.type   'polypeptide(L)'
_entity_poly.pdbx_seq_one_letter_code
;MDPDELPLDEHCERLPYDASKWEFPRDRLKLGKPLGRGAFGQVIEADAFGIDKTATCRTVAVKMLKEGATHSEHRALMSE
LKILIHIGHHLNVVNLLGACTKPGGPLMVIVEFCKFGNLSTYLRSKRNEFVPYKVAPEDLYKDFLTLEHLICYSFQVAKG
MEFLASRKCIHRDLAARNILLSEKNVVKICDFGLARDI(PTR)KDPD(PTR)VRKGDARLPLKWMAPETIFDRVYTIQSD
VWSFGVLLWEIFSLGASPYPGVKIDEEFCRRLKEGTRMRAPDYTTPEMYQTMLDCWHGEPSQRPTFSELVEHLGNLLQAN
AQQD
;
_entity_poly.pdbx_strand_id   A
#
loop_
_chem_comp.id
_chem_comp.type
_chem_comp.name
_chem_comp.formula
LIF non-polymer N-{4-[4-AMINO-6-(4-METHOXYPHENYL)FURO[2,3-D]PYRIMIDIN-5-YL]PHENYL}-N'-[2-FLUORO-5-(TRIFLUOROMETHYL)PHENYL]UREA 'C27 H19 F4 N5 O3'
#
# COMPACT_ATOMS: atom_id res chain seq x y z
N LEU A 15 -18.04 12.28 -11.19
CA LEU A 15 -18.63 10.99 -11.69
C LEU A 15 -19.95 10.76 -10.97
N PRO A 16 -20.79 9.87 -11.52
CA PRO A 16 -22.10 9.67 -10.89
C PRO A 16 -21.92 8.91 -9.61
N TYR A 17 -22.93 8.93 -8.75
CA TYR A 17 -22.88 8.13 -7.55
C TYR A 17 -24.16 7.32 -7.42
N ASP A 18 -24.02 5.99 -7.52
CA ASP A 18 -25.15 5.11 -7.37
C ASP A 18 -25.44 4.87 -5.90
N ALA A 19 -26.37 5.63 -5.35
CA ALA A 19 -26.67 5.51 -3.92
C ALA A 19 -27.27 4.13 -3.59
N SER A 20 -28.06 3.58 -4.52
CA SER A 20 -28.60 2.24 -4.31
C SER A 20 -27.50 1.26 -3.96
N LYS A 21 -26.39 1.32 -4.69
CA LYS A 21 -25.30 0.37 -4.50
C LYS A 21 -24.50 0.66 -3.24
N TRP A 22 -24.25 1.94 -2.96
CA TRP A 22 -23.20 2.34 -1.99
C TRP A 22 -23.68 2.94 -0.69
N GLU A 23 -24.84 3.58 -0.70
CA GLU A 23 -25.23 4.38 0.45
C GLU A 23 -25.53 3.47 1.63
N PHE A 24 -25.00 3.83 2.80
CA PHE A 24 -25.17 3.03 4.02
C PHE A 24 -25.77 3.93 5.11
N PRO A 25 -26.72 3.43 5.91
CA PRO A 25 -27.34 4.27 6.92
C PRO A 25 -26.42 4.65 8.06
N ARG A 26 -26.34 5.95 8.37
CA ARG A 26 -25.49 6.41 9.46
C ARG A 26 -25.90 5.81 10.79
N ASP A 27 -27.19 5.50 10.96
CA ASP A 27 -27.63 4.89 12.23
C ASP A 27 -27.21 3.43 12.39
N ARG A 28 -26.61 2.84 11.37
CA ARG A 28 -26.04 1.50 11.45
C ARG A 28 -24.51 1.48 11.57
N LEU A 29 -23.95 2.64 11.86
CA LEU A 29 -22.53 2.78 12.18
C LEU A 29 -22.35 3.23 13.63
N LYS A 30 -21.70 2.39 14.43
CA LYS A 30 -21.43 2.70 15.85
C LYS A 30 -20.01 3.22 15.89
N LEU A 31 -19.88 4.46 16.32
CA LEU A 31 -18.61 5.16 16.35
C LEU A 31 -17.63 4.45 17.30
N GLY A 32 -16.40 4.27 16.85
CA GLY A 32 -15.35 3.69 17.67
C GLY A 32 -14.11 4.55 17.79
N LYS A 33 -12.98 3.89 17.99
CA LYS A 33 -11.75 4.61 18.32
C LYS A 33 -11.15 5.35 17.13
N PRO A 34 -10.67 6.59 17.36
CA PRO A 34 -9.94 7.32 16.34
C PRO A 34 -8.73 6.55 15.82
N LEU A 35 -8.57 6.50 14.50
CA LEU A 35 -7.49 5.76 13.84
C LEU A 35 -6.45 6.71 13.26
N GLY A 36 -6.70 8.00 13.40
CA GLY A 36 -5.77 8.99 12.91
C GLY A 36 -6.49 10.18 12.31
N ARG A 37 -5.91 11.34 12.55
CA ARG A 37 -6.30 12.54 11.87
C ARG A 37 -5.04 12.98 11.14
N GLY A 38 -5.21 13.32 9.87
CA GLY A 38 -4.14 13.90 9.08
C GLY A 38 -4.49 15.36 8.86
N ALA A 39 -3.74 16.02 7.98
CA ALA A 39 -4.02 17.42 7.65
C ALA A 39 -5.45 17.59 7.13
N PHE A 40 -5.92 16.60 6.36
CA PHE A 40 -7.27 16.60 5.80
C PHE A 40 -7.95 15.22 5.91
N GLY A 41 -9.00 15.15 6.74
CA GLY A 41 -9.79 13.94 6.94
C GLY A 41 -9.35 13.12 8.16
N GLN A 42 -10.28 12.84 9.07
CA GLN A 42 -10.02 11.94 10.20
C GLN A 42 -10.65 10.59 9.97
N VAL A 43 -9.95 9.55 10.40
CA VAL A 43 -10.41 8.19 10.23
C VAL A 43 -10.73 7.63 11.60
N ILE A 44 -11.80 6.85 11.69
CA ILE A 44 -12.19 6.23 12.94
C ILE A 44 -12.53 4.78 12.68
N GLU A 45 -12.37 3.93 13.68
CA GLU A 45 -12.97 2.60 13.61
C GLU A 45 -14.46 2.77 13.87
N ALA A 46 -15.24 1.86 13.29
CA ALA A 46 -16.65 1.81 13.59
C ALA A 46 -17.13 0.40 13.48
N ASP A 47 -18.25 0.14 14.14
CA ASP A 47 -18.93 -1.12 13.97
C ASP A 47 -20.14 -0.93 13.07
N ALA A 48 -20.18 -1.67 11.96
CA ALA A 48 -21.26 -1.53 10.98
C ALA A 48 -22.20 -2.71 11.00
N PHE A 49 -23.51 -2.50 11.19
CA PHE A 49 -24.38 -3.65 11.14
C PHE A 49 -24.85 -3.86 9.70
N GLY A 50 -24.65 -5.04 9.15
CA GLY A 50 -25.27 -5.40 7.88
C GLY A 50 -24.67 -4.81 6.62
N ILE A 51 -23.41 -4.37 6.70
CA ILE A 51 -22.80 -3.69 5.55
C ILE A 51 -22.53 -4.63 4.39
N ASP A 52 -22.45 -5.93 4.67
CA ASP A 52 -22.31 -6.94 3.60
C ASP A 52 -23.61 -7.74 3.36
N LYS A 53 -24.72 -7.15 3.78
CA LYS A 53 -26.10 -7.63 3.62
C LYS A 53 -26.48 -8.80 4.54
N THR A 54 -25.51 -9.36 5.24
CA THR A 54 -25.80 -10.42 6.22
C THR A 54 -26.09 -9.77 7.55
N ALA A 55 -26.65 -10.51 8.53
CA ALA A 55 -27.02 -9.97 9.82
C ALA A 55 -25.83 -9.93 10.80
N THR A 56 -24.70 -9.41 10.36
CA THR A 56 -23.46 -9.43 11.16
C THR A 56 -23.04 -8.00 11.47
N CYS A 57 -22.33 -7.83 12.59
CA CYS A 57 -21.65 -6.56 12.91
C CYS A 57 -20.18 -6.70 12.44
N ARG A 58 -19.71 -5.74 11.70
CA ARG A 58 -18.37 -5.82 11.14
C ARG A 58 -17.61 -4.56 11.51
N THR A 59 -16.35 -4.69 11.91
CA THR A 59 -15.52 -3.52 12.14
C THR A 59 -15.10 -3.02 10.77
N VAL A 60 -15.18 -1.70 10.62
CA VAL A 60 -14.82 -1.02 9.38
C VAL A 60 -13.98 0.22 9.76
N ALA A 61 -13.34 0.81 8.77
CA ALA A 61 -12.63 2.09 8.95
C ALA A 61 -13.43 3.15 8.23
N VAL A 62 -13.68 4.26 8.88
CA VAL A 62 -14.49 5.31 8.30
C VAL A 62 -13.67 6.61 8.20
N LYS A 63 -13.55 7.13 6.99
CA LYS A 63 -12.93 8.42 6.75
C LYS A 63 -14.02 9.48 6.70
N MET A 64 -13.88 10.51 7.53
CA MET A 64 -14.92 11.51 7.58
C MET A 64 -14.29 12.90 7.66
N LEU A 65 -15.03 13.92 7.30
CA LEU A 65 -14.49 15.28 7.38
C LEU A 65 -14.40 15.82 8.81
N THR A 70 -14.32 22.74 4.35
CA THR A 70 -14.29 23.63 3.18
C THR A 70 -14.78 22.90 1.96
N HIS A 71 -15.06 23.61 0.87
CA HIS A 71 -15.45 22.95 -0.38
C HIS A 71 -14.30 22.07 -0.89
N SER A 72 -13.06 22.56 -0.71
CA SER A 72 -11.86 21.84 -1.14
C SER A 72 -11.73 20.47 -0.43
N GLU A 73 -12.02 20.45 0.86
CA GLU A 73 -11.93 19.24 1.66
C GLU A 73 -13.04 18.27 1.31
N HIS A 74 -14.27 18.79 1.20
CA HIS A 74 -15.40 18.03 0.72
C HIS A 74 -15.12 17.44 -0.66
N ARG A 75 -14.59 18.26 -1.56
CA ARG A 75 -14.27 17.76 -2.89
C ARG A 75 -13.24 16.61 -2.82
N ALA A 76 -12.26 16.73 -1.96
CA ALA A 76 -11.18 15.72 -1.92
C ALA A 76 -11.69 14.38 -1.44
N LEU A 77 -12.54 14.40 -0.42
CA LEU A 77 -13.09 13.15 0.11
C LEU A 77 -14.10 12.56 -0.87
N MET A 78 -14.90 13.42 -1.52
CA MET A 78 -15.82 12.93 -2.54
C MET A 78 -15.01 12.33 -3.71
N SER A 79 -13.86 12.92 -4.05
CA SER A 79 -12.97 12.38 -5.07
C SER A 79 -12.47 10.99 -4.70
N GLU A 80 -12.03 10.83 -3.47
CA GLU A 80 -11.59 9.50 -3.00
C GLU A 80 -12.67 8.43 -3.15
N LEU A 81 -13.87 8.80 -2.75
CA LEU A 81 -15.03 7.91 -2.91
C LEU A 81 -15.22 7.46 -4.38
N LYS A 82 -15.20 8.43 -5.29
CA LYS A 82 -15.42 8.15 -6.70
C LYS A 82 -14.29 7.32 -7.30
N ILE A 83 -13.06 7.60 -6.90
CA ILE A 83 -11.89 6.81 -7.33
C ILE A 83 -12.02 5.37 -6.84
N LEU A 84 -12.39 5.18 -5.60
CA LEU A 84 -12.60 3.83 -5.08
C LEU A 84 -13.70 3.08 -5.81
N ILE A 85 -14.78 3.77 -6.13
CA ILE A 85 -15.84 3.13 -6.92
C ILE A 85 -15.30 2.73 -8.30
N HIS A 86 -14.55 3.62 -8.93
CA HIS A 86 -13.91 3.33 -10.21
C HIS A 86 -12.97 2.13 -10.18
N ILE A 87 -12.10 2.08 -9.19
CA ILE A 87 -11.12 1.00 -9.07
C ILE A 87 -11.88 -0.32 -9.00
N GLY A 88 -12.85 -0.38 -8.11
CA GLY A 88 -13.63 -1.60 -7.91
C GLY A 88 -12.89 -2.56 -7.01
N HIS A 89 -13.34 -3.80 -6.97
CA HIS A 89 -12.98 -4.70 -5.90
C HIS A 89 -11.80 -5.61 -6.32
N HIS A 90 -10.80 -5.74 -5.45
CA HIS A 90 -9.77 -6.78 -5.58
C HIS A 90 -9.33 -7.13 -4.18
N LEU A 91 -8.96 -8.40 -3.96
CA LEU A 91 -8.48 -8.90 -2.67
C LEU A 91 -7.34 -8.04 -2.11
N ASN A 92 -6.48 -7.56 -2.99
CA ASN A 92 -5.26 -6.90 -2.55
C ASN A 92 -5.26 -5.38 -2.67
N VAL A 93 -6.46 -4.80 -2.74
CA VAL A 93 -6.65 -3.35 -2.66
C VAL A 93 -7.65 -3.10 -1.53
N VAL A 94 -7.44 -2.05 -0.77
CA VAL A 94 -8.40 -1.73 0.28
C VAL A 94 -9.75 -1.54 -0.40
N ASN A 95 -10.79 -2.21 0.09
CA ASN A 95 -12.02 -2.04 -0.65
C ASN A 95 -13.06 -1.18 0.00
N LEU A 96 -13.72 -0.44 -0.87
CA LEU A 96 -14.86 0.36 -0.48
C LEU A 96 -16.04 -0.53 -0.09
N LEU A 97 -16.64 -0.23 1.06
CA LEU A 97 -17.82 -0.96 1.52
C LEU A 97 -19.11 -0.14 1.44
N GLY A 98 -18.99 1.19 1.54
CA GLY A 98 -20.21 2.00 1.56
C GLY A 98 -19.81 3.45 1.80
N ALA A 99 -20.82 4.31 1.77
CA ALA A 99 -20.60 5.71 2.05
C ALA A 99 -21.86 6.30 2.63
N CYS A 100 -21.70 7.43 3.30
CA CYS A 100 -22.82 8.19 3.84
C CYS A 100 -22.64 9.58 3.25
N THR A 101 -23.50 9.92 2.31
CA THR A 101 -23.38 11.14 1.57
C THR A 101 -24.62 12.02 1.67
N LYS A 102 -25.76 11.45 2.06
CA LYS A 102 -27.00 12.21 2.01
C LYS A 102 -26.98 13.29 3.07
N PRO A 103 -27.64 14.44 2.80
CA PRO A 103 -27.58 15.56 3.72
C PRO A 103 -28.01 15.16 5.11
N GLY A 104 -27.59 15.92 6.12
CA GLY A 104 -28.07 15.69 7.48
C GLY A 104 -27.12 14.98 8.43
N GLY A 105 -26.00 14.50 7.90
CA GLY A 105 -24.89 14.01 8.73
C GLY A 105 -23.56 14.27 8.02
N PRO A 106 -22.43 13.91 8.65
CA PRO A 106 -21.14 14.09 7.98
C PRO A 106 -20.98 13.20 6.77
N LEU A 107 -20.16 13.64 5.81
CA LEU A 107 -19.75 12.79 4.68
C LEU A 107 -18.81 11.73 5.23
N MET A 108 -19.09 10.48 4.90
CA MET A 108 -18.28 9.38 5.39
C MET A 108 -18.03 8.37 4.28
N VAL A 109 -16.79 7.89 4.20
CA VAL A 109 -16.40 6.85 3.26
C VAL A 109 -15.97 5.67 4.09
N ILE A 110 -16.60 4.53 3.85
CA ILE A 110 -16.43 3.35 4.67
C ILE A 110 -15.62 2.30 3.88
N VAL A 111 -14.46 1.91 4.42
CA VAL A 111 -13.62 0.91 3.78
C VAL A 111 -13.32 -0.25 4.74
N GLU A 112 -12.82 -1.34 4.18
CA GLU A 112 -12.42 -2.49 4.96
C GLU A 112 -11.41 -2.12 6.04
N PHE A 113 -11.58 -2.69 7.23
CA PHE A 113 -10.66 -2.49 8.33
C PHE A 113 -9.54 -3.52 8.23
N CYS A 114 -8.30 -3.05 8.34
CA CYS A 114 -7.10 -3.91 8.34
C CYS A 114 -6.48 -3.87 9.72
N LYS A 115 -6.69 -4.94 10.48
CA LYS A 115 -6.44 -4.88 11.91
C LYS A 115 -4.99 -4.88 12.36
N PHE A 116 -4.08 -5.33 11.49
CA PHE A 116 -2.67 -5.47 11.89
C PHE A 116 -1.74 -4.33 11.42
N GLY A 117 -2.33 -3.28 10.86
CA GLY A 117 -1.59 -2.07 10.55
C GLY A 117 -0.71 -2.21 9.32
N ASN A 118 0.23 -1.28 9.15
CA ASN A 118 1.05 -1.26 7.93
C ASN A 118 2.13 -2.33 7.95
N LEU A 119 2.53 -2.74 6.74
CA LEU A 119 3.42 -3.87 6.57
C LEU A 119 4.85 -3.57 7.01
N SER A 120 5.29 -2.34 6.86
CA SER A 120 6.66 -1.96 7.29
C SER A 120 6.81 -2.13 8.80
N THR A 121 5.90 -1.52 9.55
CA THR A 121 5.94 -1.61 11.01
C THR A 121 5.80 -3.08 11.42
N TYR A 122 4.87 -3.79 10.79
CA TYR A 122 4.64 -5.18 11.14
C TYR A 122 5.91 -6.03 10.96
N LEU A 123 6.55 -5.91 9.80
CA LEU A 123 7.74 -6.72 9.55
C LEU A 123 8.86 -6.38 10.53
N ARG A 124 9.03 -5.09 10.79
CA ARG A 124 9.94 -4.63 11.85
C ARG A 124 9.73 -5.34 13.19
N SER A 125 8.46 -5.46 13.60
CA SER A 125 8.11 -6.11 14.85
C SER A 125 8.39 -7.61 14.89
N LYS A 126 8.67 -8.22 13.73
CA LYS A 126 8.84 -9.67 13.60
C LYS A 126 10.29 -10.10 13.30
N ARG A 127 11.25 -9.21 13.46
CA ARG A 127 12.66 -9.56 13.15
C ARG A 127 13.27 -10.66 14.02
N ASN A 128 12.84 -10.75 15.27
CA ASN A 128 13.24 -11.85 16.15
C ASN A 128 12.29 -13.05 16.05
N GLU A 129 11.30 -12.96 15.16
CA GLU A 129 10.34 -14.03 14.93
C GLU A 129 10.33 -14.43 13.44
N PHE A 130 11.51 -14.48 12.83
CA PHE A 130 11.67 -14.89 11.44
C PHE A 130 12.71 -15.98 11.31
N VAL A 131 12.39 -17.02 10.55
CA VAL A 131 13.37 -18.02 10.11
C VAL A 131 13.08 -18.41 8.67
N PRO A 132 14.14 -18.64 7.85
CA PRO A 132 13.84 -19.38 6.61
C PRO A 132 13.10 -20.68 6.93
N PHE A 144 6.20 -17.89 13.53
CA PHE A 144 7.30 -17.14 12.92
C PHE A 144 6.98 -16.80 11.47
N LEU A 145 7.57 -15.72 10.98
CA LEU A 145 7.59 -15.46 9.54
C LEU A 145 8.65 -16.33 8.89
N THR A 146 8.42 -16.62 7.63
CA THR A 146 9.31 -17.45 6.85
C THR A 146 9.37 -16.86 5.45
N LEU A 147 10.19 -17.46 4.61
CA LEU A 147 10.29 -16.97 3.23
C LEU A 147 8.92 -17.09 2.55
N GLU A 148 8.17 -18.12 2.93
CA GLU A 148 6.82 -18.30 2.38
C GLU A 148 6.01 -17.04 2.61
N HIS A 149 6.04 -16.50 3.84
CA HIS A 149 5.28 -15.28 4.15
C HIS A 149 5.76 -14.12 3.30
N LEU A 150 7.07 -13.93 3.26
CA LEU A 150 7.64 -12.78 2.56
C LEU A 150 7.38 -12.83 1.06
N ILE A 151 7.53 -14.02 0.46
CA ILE A 151 7.27 -14.15 -0.96
C ILE A 151 5.76 -13.97 -1.24
N CYS A 152 4.92 -14.50 -0.34
CA CYS A 152 3.47 -14.33 -0.43
C CYS A 152 3.08 -12.86 -0.40
N TYR A 153 3.61 -12.09 0.55
CA TYR A 153 3.30 -10.66 0.60
C TYR A 153 3.67 -9.97 -0.72
N SER A 154 4.84 -10.33 -1.25
CA SER A 154 5.33 -9.74 -2.49
C SER A 154 4.39 -10.03 -3.64
N PHE A 155 4.02 -11.30 -3.76
CA PHE A 155 3.10 -11.75 -4.77
C PHE A 155 1.76 -10.98 -4.69
N GLN A 156 1.23 -10.84 -3.49
CA GLN A 156 -0.07 -10.22 -3.27
C GLN A 156 -0.02 -8.76 -3.68
N VAL A 157 1.05 -8.06 -3.31
CA VAL A 157 1.19 -6.66 -3.73
C VAL A 157 1.27 -6.57 -5.27
N ALA A 158 2.04 -7.46 -5.91
CA ALA A 158 2.09 -7.49 -7.36
C ALA A 158 0.71 -7.72 -7.96
N LYS A 159 -0.08 -8.62 -7.39
CA LYS A 159 -1.45 -8.85 -7.83
C LYS A 159 -2.34 -7.63 -7.72
N GLY A 160 -2.21 -6.91 -6.61
CA GLY A 160 -2.97 -5.66 -6.39
C GLY A 160 -2.55 -4.60 -7.40
N MET A 161 -1.26 -4.51 -7.67
CA MET A 161 -0.76 -3.54 -8.66
C MET A 161 -1.13 -3.88 -10.10
N GLU A 162 -1.12 -5.16 -10.43
CA GLU A 162 -1.58 -5.60 -11.75
C GLU A 162 -3.03 -5.18 -11.95
N PHE A 163 -3.82 -5.32 -10.89
CA PHE A 163 -5.21 -4.89 -10.89
C PHE A 163 -5.31 -3.38 -11.07
N LEU A 164 -4.58 -2.62 -10.29
CA LEU A 164 -4.65 -1.18 -10.41
C LEU A 164 -4.23 -0.72 -11.81
N ALA A 165 -3.23 -1.35 -12.38
CA ALA A 165 -2.77 -1.02 -13.72
C ALA A 165 -3.88 -1.28 -14.73
N SER A 166 -4.63 -2.36 -14.52
CA SER A 166 -5.75 -2.73 -15.40
C SER A 166 -6.89 -1.69 -15.38
N ARG A 167 -7.00 -0.96 -14.28
CA ARG A 167 -7.95 0.13 -14.12
C ARG A 167 -7.37 1.46 -14.57
N LYS A 168 -6.17 1.41 -15.16
CA LYS A 168 -5.46 2.61 -15.64
C LYS A 168 -5.18 3.58 -14.49
N CYS A 169 -4.82 3.02 -13.34
CA CYS A 169 -4.42 3.80 -12.18
C CYS A 169 -2.92 3.71 -12.03
N ILE A 170 -2.33 4.76 -11.48
CA ILE A 170 -0.92 4.78 -11.06
C ILE A 170 -0.96 5.14 -9.60
N HIS A 171 -0.18 4.43 -8.78
CA HIS A 171 -0.22 4.62 -7.34
C HIS A 171 0.55 5.86 -6.94
N ARG A 172 1.80 5.96 -7.44
CA ARG A 172 2.68 7.13 -7.21
C ARG A 172 3.48 7.16 -5.90
N ASP A 173 3.07 6.37 -4.90
CA ASP A 173 3.88 6.23 -3.69
C ASP A 173 3.77 4.85 -3.11
N LEU A 174 4.16 3.88 -3.91
CA LEU A 174 4.06 2.51 -3.52
C LEU A 174 5.24 2.14 -2.58
N ALA A 175 4.92 1.84 -1.33
CA ALA A 175 5.88 1.58 -0.28
C ALA A 175 5.19 0.70 0.76
N ALA A 176 5.97 -0.04 1.55
CA ALA A 176 5.39 -0.95 2.54
C ALA A 176 4.52 -0.28 3.60
N ARG A 177 4.81 0.98 3.94
CA ARG A 177 3.93 1.75 4.82
C ARG A 177 2.51 1.89 4.28
N ASN A 178 2.36 1.83 2.97
CA ASN A 178 1.06 1.99 2.32
C ASN A 178 0.44 0.67 1.93
N ILE A 179 0.94 -0.40 2.55
CA ILE A 179 0.32 -1.72 2.44
C ILE A 179 -0.14 -2.08 3.84
N LEU A 180 -1.43 -2.39 3.99
CA LEU A 180 -1.95 -2.78 5.30
C LEU A 180 -2.17 -4.29 5.37
N LEU A 181 -2.10 -4.79 6.59
CA LEU A 181 -2.19 -6.21 6.85
C LEU A 181 -3.51 -6.53 7.52
N SER A 182 -4.24 -7.44 6.91
CA SER A 182 -5.54 -7.84 7.39
C SER A 182 -5.42 -9.24 7.97
N GLU A 183 -6.55 -9.87 8.25
CA GLU A 183 -6.53 -11.22 8.78
C GLU A 183 -5.97 -12.21 7.75
N LYS A 184 -5.49 -13.35 8.25
CA LYS A 184 -5.09 -14.46 7.41
C LYS A 184 -4.01 -14.04 6.41
N ASN A 185 -3.15 -13.12 6.85
CA ASN A 185 -1.99 -12.67 6.08
C ASN A 185 -2.29 -12.04 4.73
N VAL A 186 -3.50 -11.54 4.55
CA VAL A 186 -3.87 -10.86 3.35
C VAL A 186 -3.41 -9.43 3.46
N VAL A 187 -2.72 -8.95 2.43
CA VAL A 187 -2.22 -7.58 2.43
C VAL A 187 -3.00 -6.75 1.43
N LYS A 188 -3.15 -5.47 1.72
CA LYS A 188 -3.97 -4.59 0.90
C LYS A 188 -3.30 -3.27 0.62
N ILE A 189 -3.24 -2.93 -0.65
CA ILE A 189 -2.71 -1.65 -1.07
C ILE A 189 -3.66 -0.52 -0.69
N CYS A 190 -3.12 0.54 -0.08
CA CYS A 190 -3.91 1.73 0.23
C CYS A 190 -3.19 2.97 -0.28
N ASP A 191 -3.89 4.10 -0.21
CA ASP A 191 -3.30 5.40 -0.53
C ASP A 191 -3.89 6.45 0.42
N ILE A 198 4.57 14.95 8.78
CA ILE A 198 4.15 16.22 8.22
C ILE A 198 3.01 16.88 9.03
N PTR A 199 2.23 16.08 9.75
CA PTR A 199 1.12 16.58 10.57
C PTR A 199 1.30 16.45 12.10
O PTR A 199 0.76 17.25 12.85
CB PTR A 199 -0.14 15.82 10.13
CG PTR A 199 -1.40 16.25 10.83
CD1 PTR A 199 -1.94 17.53 10.63
CD2 PTR A 199 -2.05 15.39 11.70
CE1 PTR A 199 -3.11 17.92 11.28
CE2 PTR A 199 -3.20 15.78 12.35
CZ PTR A 199 -3.73 17.03 12.14
OH PTR A 199 -4.77 17.37 12.73
P PTR A 199 -4.71 17.82 14.27
O1P PTR A 199 -4.43 16.61 15.09
O2P PTR A 199 -6.06 18.42 14.72
O3P PTR A 199 -3.58 18.85 14.44
N LYS A 200 2.08 15.46 12.54
CA LYS A 200 2.10 14.99 13.92
C LYS A 200 2.92 15.83 14.90
N ASP A 201 2.40 15.99 16.12
CA ASP A 201 3.05 16.71 17.21
C ASP A 201 4.44 16.13 17.50
N PRO A 202 5.50 16.94 17.36
CA PRO A 202 6.89 16.45 17.53
C PRO A 202 7.22 15.84 18.90
N ASP A 203 6.44 16.13 19.94
CA ASP A 203 6.64 15.51 21.25
C ASP A 203 6.45 14.00 21.19
N PTR A 204 5.56 13.54 20.31
CA PTR A 204 5.20 12.12 20.25
C PTR A 204 5.72 11.41 19.00
O PTR A 204 5.43 10.23 18.80
CB PTR A 204 3.68 12.01 20.34
CG PTR A 204 3.08 12.84 21.46
CD1 PTR A 204 3.73 12.97 22.68
CD2 PTR A 204 1.89 13.52 21.29
CE1 PTR A 204 3.21 13.74 23.70
CE2 PTR A 204 1.35 14.29 22.30
CZ PTR A 204 2.01 14.39 23.51
OH PTR A 204 1.55 15.08 24.42
P PTR A 204 0.78 14.42 25.67
O1P PTR A 204 -0.25 13.50 25.12
O2P PTR A 204 1.79 13.63 26.53
O3P PTR A 204 0.15 15.54 26.51
N VAL A 205 6.49 12.11 18.17
CA VAL A 205 7.08 11.49 16.98
C VAL A 205 8.19 10.52 17.41
N ARG A 206 8.13 9.30 16.88
CA ARG A 206 9.14 8.27 17.14
C ARG A 206 9.79 7.79 15.84
N LYS A 207 11.02 7.30 15.94
CA LYS A 207 11.70 6.71 14.78
C LYS A 207 10.77 5.68 14.18
N GLY A 208 10.58 5.75 12.87
CA GLY A 208 9.63 4.90 12.15
C GLY A 208 8.36 5.60 11.75
N ASP A 209 8.05 6.72 12.40
CA ASP A 209 6.81 7.46 12.12
C ASP A 209 6.81 8.27 10.83
N ALA A 210 7.97 8.38 10.18
CA ALA A 210 8.05 9.04 8.91
C ALA A 210 8.97 8.27 8.01
N ARG A 211 8.82 8.51 6.71
CA ARG A 211 9.71 7.96 5.70
C ARG A 211 9.91 9.04 4.65
N LEU A 212 10.97 8.88 3.86
CA LEU A 212 11.35 9.86 2.87
C LEU A 212 10.95 9.35 1.50
N PRO A 213 9.81 9.84 0.96
CA PRO A 213 9.32 9.26 -0.29
C PRO A 213 10.33 9.29 -1.46
N LEU A 214 11.28 10.21 -1.43
CA LEU A 214 12.27 10.30 -2.48
C LEU A 214 12.93 8.92 -2.72
N LYS A 215 13.06 8.14 -1.65
CA LYS A 215 13.79 6.87 -1.69
C LYS A 215 13.04 5.80 -2.49
N TRP A 216 11.78 6.04 -2.79
CA TRP A 216 10.99 5.10 -3.59
C TRP A 216 10.80 5.55 -5.06
N MET A 217 11.27 6.74 -5.41
CA MET A 217 10.99 7.32 -6.71
C MET A 217 11.93 6.83 -7.79
N ALA A 218 11.36 6.51 -8.97
CA ALA A 218 12.16 6.16 -10.14
C ALA A 218 12.99 7.35 -10.58
N PRO A 219 14.16 7.09 -11.21
CA PRO A 219 14.98 8.22 -11.67
C PRO A 219 14.20 9.22 -12.52
N GLU A 220 13.36 8.72 -13.43
CA GLU A 220 12.56 9.62 -14.29
C GLU A 220 11.52 10.44 -13.49
N THR A 221 11.06 9.90 -12.36
CA THR A 221 10.15 10.63 -11.46
C THR A 221 10.89 11.69 -10.64
N ILE A 222 12.09 11.35 -10.18
CA ILE A 222 12.97 12.31 -9.52
C ILE A 222 13.33 13.47 -10.44
N PHE A 223 13.92 13.13 -11.58
CA PHE A 223 14.49 14.15 -12.45
C PHE A 223 13.44 14.90 -13.25
N ASP A 224 12.36 14.22 -13.63
CA ASP A 224 11.39 14.79 -14.57
C ASP A 224 9.93 14.68 -14.13
N ARG A 225 9.69 14.54 -12.82
CA ARG A 225 8.35 14.34 -12.24
C ARG A 225 7.41 13.49 -13.12
N VAL A 226 7.97 12.47 -13.76
CA VAL A 226 7.22 11.56 -14.61
C VAL A 226 6.71 10.45 -13.71
N TYR A 227 5.40 10.30 -13.60
CA TYR A 227 4.80 9.11 -12.95
C TYR A 227 4.04 8.23 -13.95
N THR A 228 4.40 6.95 -14.02
CA THR A 228 3.72 5.97 -14.88
C THR A 228 3.61 4.66 -14.16
N ILE A 229 2.91 3.69 -14.75
CA ILE A 229 2.86 2.37 -14.17
C ILE A 229 4.27 1.77 -14.08
N GLN A 230 5.13 2.10 -15.03
CA GLN A 230 6.51 1.61 -14.97
C GLN A 230 7.36 2.28 -13.88
N SER A 231 7.05 3.51 -13.46
CA SER A 231 7.70 4.05 -12.27
C SER A 231 7.18 3.38 -10.98
N ASP A 232 5.91 2.97 -10.98
CA ASP A 232 5.41 2.12 -9.88
C ASP A 232 6.18 0.80 -9.78
N VAL A 233 6.58 0.26 -10.91
CA VAL A 233 7.39 -0.97 -10.87
C VAL A 233 8.72 -0.74 -10.17
N TRP A 234 9.37 0.39 -10.44
CA TRP A 234 10.59 0.75 -9.70
C TRP A 234 10.29 0.76 -8.20
N SER A 235 9.25 1.49 -7.83
CA SER A 235 8.85 1.57 -6.43
C SER A 235 8.60 0.20 -5.81
N PHE A 236 7.96 -0.67 -6.58
CA PHE A 236 7.74 -2.01 -6.16
C PHE A 236 9.04 -2.72 -5.82
N GLY A 237 10.08 -2.46 -6.60
CA GLY A 237 11.40 -2.99 -6.31
C GLY A 237 11.92 -2.56 -4.96
N VAL A 238 11.71 -1.28 -4.64
CA VAL A 238 12.02 -0.79 -3.33
C VAL A 238 11.19 -1.45 -2.26
N LEU A 239 9.90 -1.64 -2.52
CA LEU A 239 9.02 -2.32 -1.57
C LEU A 239 9.49 -3.75 -1.31
N LEU A 240 9.93 -4.44 -2.35
CA LEU A 240 10.51 -5.78 -2.20
C LEU A 240 11.71 -5.74 -1.27
N TRP A 241 12.55 -4.75 -1.42
CA TRP A 241 13.73 -4.60 -0.57
C TRP A 241 13.28 -4.43 0.90
N GLU A 242 12.25 -3.60 1.11
CA GLU A 242 11.68 -3.42 2.45
C GLU A 242 11.22 -4.75 3.03
N ILE A 243 10.49 -5.54 2.24
CA ILE A 243 9.99 -6.81 2.73
C ILE A 243 11.17 -7.70 3.15
N PHE A 244 12.19 -7.78 2.30
CA PHE A 244 13.28 -8.74 2.54
C PHE A 244 14.41 -8.18 3.39
N SER A 245 14.23 -6.95 3.86
CA SER A 245 14.98 -6.41 4.99
C SER A 245 14.18 -6.41 6.30
N LEU A 246 12.98 -7.01 6.28
CA LEU A 246 12.03 -6.96 7.39
C LEU A 246 11.84 -5.55 7.94
N GLY A 247 11.50 -4.64 7.03
CA GLY A 247 11.01 -3.34 7.38
C GLY A 247 12.09 -2.31 7.66
N ALA A 248 13.26 -2.46 7.06
CA ALA A 248 14.32 -1.45 7.16
C ALA A 248 14.03 -0.28 6.22
N SER A 249 14.69 0.85 6.47
CA SER A 249 14.59 2.00 5.59
C SER A 249 15.53 1.80 4.40
N PRO A 250 15.05 2.07 3.18
CA PRO A 250 15.94 1.99 2.00
C PRO A 250 17.17 2.89 2.04
N TYR A 251 18.19 2.50 1.26
CA TYR A 251 19.45 3.24 1.15
C TYR A 251 20.03 3.59 2.52
N PRO A 252 20.30 2.56 3.34
CA PRO A 252 20.82 2.79 4.70
C PRO A 252 22.03 3.73 4.78
N GLY A 253 21.90 4.84 5.51
CA GLY A 253 23.01 5.77 5.75
C GLY A 253 23.35 6.71 4.58
N VAL A 254 22.66 6.56 3.46
CA VAL A 254 22.96 7.32 2.26
C VAL A 254 22.28 8.66 2.34
N LYS A 255 23.02 9.72 2.06
CA LYS A 255 22.38 11.03 2.03
C LYS A 255 21.68 11.22 0.69
N ILE A 256 20.39 11.56 0.75
CA ILE A 256 19.54 11.68 -0.43
C ILE A 256 19.58 13.12 -0.95
N ASP A 257 20.54 13.39 -1.84
CA ASP A 257 20.75 14.73 -2.38
C ASP A 257 21.00 14.65 -3.89
N GLU A 258 21.52 15.71 -4.49
CA GLU A 258 21.81 15.70 -5.93
C GLU A 258 22.82 14.61 -6.32
N GLU A 259 23.74 14.29 -5.41
CA GLU A 259 24.74 13.24 -5.65
C GLU A 259 24.08 11.86 -5.68
N PHE A 260 23.22 11.59 -4.70
CA PHE A 260 22.43 10.36 -4.68
C PHE A 260 21.71 10.19 -6.01
N CYS A 261 21.08 11.27 -6.45
CA CYS A 261 20.30 11.23 -7.67
C CYS A 261 21.17 10.99 -8.89
N ARG A 262 22.33 11.63 -8.91
CA ARG A 262 23.30 11.42 -9.99
C ARG A 262 23.71 9.94 -10.08
N ARG A 263 24.09 9.35 -8.95
CA ARG A 263 24.54 7.96 -8.93
C ARG A 263 23.42 7.01 -9.34
N LEU A 264 22.20 7.35 -8.98
CA LEU A 264 21.05 6.53 -9.32
C LEU A 264 20.85 6.49 -10.84
N LYS A 265 20.90 7.65 -11.49
CA LYS A 265 20.82 7.69 -12.95
C LYS A 265 21.97 6.96 -13.62
N GLU A 266 23.15 6.97 -13.02
CA GLU A 266 24.31 6.30 -13.60
C GLU A 266 24.25 4.78 -13.41
N GLY A 267 23.42 4.30 -12.48
CA GLY A 267 23.26 2.85 -12.28
C GLY A 267 23.53 2.29 -10.89
N THR A 268 23.81 3.15 -9.91
CA THR A 268 24.07 2.66 -8.56
C THR A 268 22.78 2.14 -7.95
N ARG A 269 22.83 0.98 -7.32
CA ARG A 269 21.65 0.35 -6.73
C ARG A 269 21.96 -0.12 -5.30
N MET A 270 20.92 -0.29 -4.52
CA MET A 270 21.04 -0.93 -3.22
C MET A 270 21.60 -2.33 -3.30
N ARG A 271 22.39 -2.69 -2.30
CA ARG A 271 22.85 -4.06 -2.12
C ARG A 271 21.72 -4.94 -1.61
N ALA A 272 21.91 -6.26 -1.71
CA ALA A 272 20.89 -7.20 -1.24
C ALA A 272 20.58 -7.01 0.25
N PRO A 273 19.30 -7.09 0.63
CA PRO A 273 18.93 -6.99 2.04
C PRO A 273 19.18 -8.30 2.75
N ASP A 274 19.13 -8.27 4.08
CA ASP A 274 19.64 -9.37 4.88
C ASP A 274 18.87 -10.67 4.75
N TYR A 275 17.60 -10.63 4.36
CA TYR A 275 16.80 -11.86 4.37
C TYR A 275 16.35 -12.29 2.96
N THR A 276 16.96 -11.70 1.94
CA THR A 276 16.57 -12.02 0.57
C THR A 276 17.01 -13.39 0.12
N THR A 277 16.32 -13.91 -0.88
CA THR A 277 16.86 -14.97 -1.69
C THR A 277 17.54 -14.33 -2.91
N PRO A 278 18.45 -15.07 -3.58
CA PRO A 278 19.06 -14.56 -4.81
C PRO A 278 18.02 -14.20 -5.86
N GLU A 279 16.97 -15.01 -6.00
CA GLU A 279 15.94 -14.74 -7.00
C GLU A 279 15.18 -13.46 -6.72
N MET A 280 14.93 -13.19 -5.43
CA MET A 280 14.18 -11.98 -5.06
C MET A 280 15.07 -10.73 -5.27
N TYR A 281 16.36 -10.84 -5.03
CA TYR A 281 17.23 -9.69 -5.27
C TYR A 281 17.37 -9.44 -6.79
N GLN A 282 17.48 -10.51 -7.58
CA GLN A 282 17.47 -10.34 -9.03
C GLN A 282 16.21 -9.60 -9.49
N THR A 283 15.05 -9.92 -8.90
CA THR A 283 13.81 -9.28 -9.26
C THR A 283 13.85 -7.78 -8.91
N MET A 284 14.42 -7.45 -7.76
CA MET A 284 14.64 -6.04 -7.39
C MET A 284 15.44 -5.33 -8.45
N LEU A 285 16.58 -5.91 -8.86
CA LEU A 285 17.41 -5.33 -9.92
C LEU A 285 16.67 -5.13 -11.24
N ASP A 286 15.83 -6.11 -11.59
CA ASP A 286 14.99 -6.01 -12.78
C ASP A 286 14.02 -4.82 -12.68
N CYS A 287 13.39 -4.67 -11.52
CA CYS A 287 12.44 -3.57 -11.27
C CYS A 287 13.13 -2.24 -11.31
N TRP A 288 14.42 -2.23 -10.98
CA TRP A 288 15.22 -1.02 -11.00
C TRP A 288 15.95 -0.79 -12.32
N HIS A 289 15.46 -1.37 -13.43
CA HIS A 289 16.03 -1.06 -14.70
C HIS A 289 16.00 0.45 -14.95
N GLY A 290 17.09 1.01 -15.51
CA GLY A 290 17.12 2.44 -15.71
C GLY A 290 16.15 2.89 -16.79
N GLU A 291 15.86 1.99 -17.74
CA GLU A 291 14.91 2.26 -18.81
C GLU A 291 13.54 1.72 -18.41
N PRO A 292 12.55 2.60 -18.26
CA PRO A 292 11.24 2.16 -17.79
C PRO A 292 10.65 1.00 -18.59
N SER A 293 10.84 1.02 -19.90
CA SER A 293 10.24 0.01 -20.77
C SER A 293 10.85 -1.37 -20.64
N GLN A 294 12.03 -1.45 -20.02
CA GLN A 294 12.72 -2.72 -19.83
C GLN A 294 12.50 -3.33 -18.46
N ARG A 295 11.87 -2.58 -17.56
CA ARG A 295 11.40 -3.15 -16.28
C ARG A 295 10.29 -4.13 -16.60
N PRO A 296 10.11 -5.14 -15.75
CA PRO A 296 8.97 -6.04 -15.94
C PRO A 296 7.68 -5.30 -15.77
N THR A 297 6.61 -5.84 -16.34
CA THR A 297 5.28 -5.32 -16.06
C THR A 297 4.74 -5.98 -14.79
N PHE A 298 3.67 -5.44 -14.23
CA PHE A 298 3.08 -6.09 -13.07
C PHE A 298 2.54 -7.46 -13.42
N SER A 299 1.97 -7.64 -14.60
CA SER A 299 1.54 -8.99 -15.02
C SER A 299 2.73 -9.94 -15.03
N GLU A 300 3.86 -9.50 -15.56
CA GLU A 300 5.07 -10.33 -15.58
C GLU A 300 5.54 -10.65 -14.16
N LEU A 301 5.50 -9.67 -13.26
CA LEU A 301 5.89 -9.89 -11.85
C LEU A 301 4.95 -10.88 -11.16
N VAL A 302 3.67 -10.79 -11.42
CA VAL A 302 2.71 -11.77 -10.89
C VAL A 302 3.07 -13.19 -11.34
N GLU A 303 3.32 -13.37 -12.63
CA GLU A 303 3.69 -14.71 -13.13
C GLU A 303 4.97 -15.18 -12.45
N HIS A 304 5.98 -14.32 -12.42
CA HIS A 304 7.29 -14.70 -11.90
C HIS A 304 7.26 -14.95 -10.38
N LEU A 305 6.69 -14.02 -9.62
CA LEU A 305 6.59 -14.21 -8.17
C LEU A 305 5.73 -15.41 -7.81
N GLY A 306 4.66 -15.65 -8.59
CA GLY A 306 3.84 -16.82 -8.37
C GLY A 306 4.64 -18.08 -8.56
N ASN A 307 5.55 -18.09 -9.54
CA ASN A 307 6.46 -19.23 -9.75
C ASN A 307 7.46 -19.41 -8.59
N LEU A 308 8.03 -18.31 -8.11
CA LEU A 308 8.93 -18.39 -6.95
C LEU A 308 8.18 -18.90 -5.73
N LEU A 309 6.94 -18.44 -5.56
CA LEU A 309 6.11 -18.81 -4.41
C LEU A 309 5.77 -20.29 -4.46
N GLN A 310 5.42 -20.78 -5.65
CA GLN A 310 5.06 -22.18 -5.82
C GLN A 310 6.27 -23.07 -5.61
N ALA A 311 7.40 -22.68 -6.21
CA ALA A 311 8.65 -23.41 -6.01
C ALA A 311 9.03 -23.45 -4.53
N ASN A 312 8.76 -22.38 -3.81
CA ASN A 312 9.16 -22.33 -2.39
C ASN A 312 8.53 -23.42 -1.53
N ALA A 313 7.30 -23.84 -1.84
CA ALA A 313 6.54 -24.80 -1.04
C ALA A 313 6.41 -26.18 -1.70
N GLN A 314 7.18 -26.41 -2.77
CA GLN A 314 7.15 -27.73 -3.43
C GLN A 314 7.81 -28.83 -2.59
N GLN A 315 7.41 -30.07 -2.84
CA GLN A 315 8.04 -31.27 -2.26
C GLN A 315 9.45 -31.53 -2.85
N ASP A 316 10.18 -32.47 -2.26
CA ASP A 316 11.46 -33.01 -2.81
C ASP A 316 12.22 -32.12 -3.78
F1 LIF B . -4.25 2.48 -3.37
C2 LIF B . -5.41 2.56 -3.96
F3 LIF B . -5.21 2.60 -5.24
F4 LIF B . -6.09 1.50 -3.68
C5 LIF B . -6.17 3.78 -3.50
C6 LIF B . -6.79 3.79 -2.26
C10 LIF B . -6.19 4.90 -4.32
C9 LIF B . -6.86 6.06 -3.90
C8 LIF B . -7.48 6.06 -2.66
F11 LIF B . -8.13 7.17 -2.25
C7 LIF B . -7.47 4.96 -1.82
N12 LIF B . -8.04 5.13 -0.57
C13 LIF B . -7.73 4.45 0.55
O14 LIF B . -6.82 3.61 0.54
N15 LIF B . -8.41 4.76 1.69
C16 LIF B . -8.13 4.34 2.96
C17 LIF B . -7.29 3.29 3.32
C18 LIF B . -7.04 2.98 4.66
C19 LIF B . -7.63 3.72 5.68
C20 LIF B . -8.48 4.76 5.35
C21 LIF B . -8.69 5.05 4.02
C22 LIF B . -7.24 3.36 7.07
C23 LIF B . -6.56 4.17 7.93
C32 LIF B . -6.14 5.61 7.86
C33 LIF B . -5.97 6.31 6.69
C34 LIF B . -5.58 7.65 6.73
C35 LIF B . -5.39 8.26 7.97
C36 LIF B . -5.59 7.55 9.14
C37 LIF B . -5.97 6.23 9.09
O38 LIF B . -5.01 9.57 7.99
C39 LIF B . -4.57 10.22 9.18
O24 LIF B . -6.27 3.47 9.16
C25 LIF B . -6.71 2.28 9.01
N26 LIF B . -6.64 1.32 9.92
C30 LIF B . -7.31 2.07 7.78
C29 LIF B . -7.87 0.83 7.46
N31 LIF B . -8.48 0.58 6.29
N28 LIF B . -7.75 -0.12 8.41
C27 LIF B . -7.17 0.10 9.59
#